data_3MLF
#
_entry.id   3MLF
#
_cell.length_a   159.776
_cell.length_b   159.776
_cell.length_c   69.344
_cell.angle_alpha   90.000
_cell.angle_beta   90.000
_cell.angle_gamma   90.000
#
_symmetry.space_group_name_H-M   'P 41 21 2'
#
loop_
_entity.id
_entity.type
_entity.pdbx_description
1 polymer 'transcriptional regulator'
2 water water
#
_entity_poly.entity_id   1
_entity_poly.type   'polypeptide(L)'
_entity_poly.pdbx_seq_one_letter_code
;(MSE)HHHHHHSSGVDLGTENLYFQSNA(MSE)KTLKELRTDYGLTQKELGDLFKVSSRTIQN(MSE)EKDSTNIKDSLL
SKY(MSE)SAFNVKYDDIFLGNEYENFVFTNDKKKSIILAFKEKQTS
;
_entity_poly.pdbx_strand_id   A,B,C,D,E
#
# COMPACT_ATOMS: atom_id res chain seq x y z
N THR A 15 -25.05 28.55 13.45
CA THR A 15 -24.29 27.67 12.53
C THR A 15 -23.44 26.68 13.33
N GLU A 16 -23.59 26.71 14.65
CA GLU A 16 -22.80 25.86 15.53
C GLU A 16 -23.42 24.49 15.75
N ASN A 17 -24.75 24.42 15.76
CA ASN A 17 -25.42 23.12 15.72
C ASN A 17 -25.82 22.68 14.29
N LEU A 18 -25.16 23.27 13.30
CA LEU A 18 -25.27 22.81 11.91
C LEU A 18 -24.01 22.07 11.47
N TYR A 19 -22.83 22.63 11.79
CA TYR A 19 -21.50 22.02 11.50
C TYR A 19 -20.84 21.64 12.82
N PHE A 20 -20.27 20.44 12.90
CA PHE A 20 -19.69 19.96 14.16
C PHE A 20 -18.23 20.41 14.30
N GLN A 21 -17.96 21.16 15.38
CA GLN A 21 -16.67 21.79 15.55
C GLN A 21 -15.64 20.74 15.90
N SER A 22 -14.56 20.73 15.15
CA SER A 22 -13.61 19.63 15.25
C SER A 22 -12.17 20.13 15.44
N ASN A 23 -11.61 19.74 16.58
CA ASN A 23 -10.32 20.26 17.03
C ASN A 23 -9.19 19.83 16.08
N ALA A 24 -9.45 18.81 15.25
CA ALA A 24 -8.42 18.25 14.39
C ALA A 24 -8.80 18.30 12.91
N LYS A 26 -9.50 16.77 9.08
CA LYS A 26 -10.31 15.72 8.52
C LYS A 26 -9.91 15.49 7.08
N THR A 27 -10.11 14.28 6.59
CA THR A 27 -9.72 13.93 5.23
C THR A 27 -10.97 14.22 4.37
N LEU A 28 -10.80 14.22 3.06
CA LEU A 28 -11.96 14.44 2.23
C LEU A 28 -13.01 13.35 2.49
N LYS A 29 -12.55 12.12 2.67
CA LYS A 29 -13.48 11.04 2.82
C LYS A 29 -14.19 11.29 4.12
N GLU A 30 -13.46 11.78 5.10
CA GLU A 30 -14.09 11.90 6.42
C GLU A 30 -15.17 12.95 6.36
N LEU A 31 -15.00 13.92 5.47
CA LEU A 31 -15.92 15.04 5.44
C LEU A 31 -17.23 14.58 4.89
N ARG A 32 -17.16 13.75 3.84
CA ARG A 32 -18.35 13.23 3.23
C ARG A 32 -19.05 12.33 4.24
N THR A 33 -18.23 11.47 4.83
CA THR A 33 -18.66 10.40 5.71
C THR A 33 -19.30 10.90 6.97
N ASP A 34 -18.77 12.00 7.49
CA ASP A 34 -19.28 12.64 8.67
C ASP A 34 -20.73 13.10 8.47
N TYR A 35 -21.09 13.50 7.27
CA TYR A 35 -22.42 14.03 7.08
C TYR A 35 -23.30 13.04 6.36
N GLY A 36 -22.79 11.80 6.28
CA GLY A 36 -23.53 10.64 5.77
C GLY A 36 -23.96 10.67 4.31
N LEU A 37 -23.16 11.27 3.43
CA LEU A 37 -23.44 11.26 2.00
C LEU A 37 -22.69 10.15 1.31
N THR A 38 -23.28 9.63 0.25
CA THR A 38 -22.62 8.74 -0.70
C THR A 38 -21.67 9.55 -1.62
N GLN A 39 -20.81 8.82 -2.32
CA GLN A 39 -19.97 9.44 -3.34
C GLN A 39 -20.81 10.05 -4.44
N LYS A 40 -21.87 9.35 -4.85
CA LYS A 40 -22.75 9.84 -5.91
C LYS A 40 -23.45 11.17 -5.56
N GLU A 41 -23.94 11.28 -4.33
CA GLU A 41 -24.62 12.49 -3.90
C GLU A 41 -23.65 13.67 -3.90
N LEU A 42 -22.50 13.49 -3.26
CA LEU A 42 -21.50 14.54 -3.19
C LEU A 42 -21.06 14.98 -4.59
N GLY A 43 -20.86 14.00 -5.47
CA GLY A 43 -20.59 14.27 -6.88
C GLY A 43 -21.59 15.25 -7.43
N ASP A 44 -22.88 14.87 -7.41
CA ASP A 44 -23.96 15.76 -7.83
C ASP A 44 -23.91 17.12 -7.18
N LEU A 45 -23.68 17.13 -5.87
CA LEU A 45 -23.64 18.38 -5.15
C LEU A 45 -22.51 19.26 -5.68
N PHE A 46 -21.34 18.66 -5.95
CA PHE A 46 -20.24 19.44 -6.43
C PHE A 46 -20.12 19.45 -7.95
N LYS A 47 -21.08 18.84 -8.65
CA LYS A 47 -21.05 18.79 -10.11
C LYS A 47 -19.76 18.17 -10.69
N VAL A 48 -19.38 17.02 -10.14
CA VAL A 48 -18.27 16.21 -10.67
C VAL A 48 -18.70 14.76 -10.64
N SER A 49 -18.09 13.89 -11.43
CA SER A 49 -18.46 12.48 -11.45
C SER A 49 -18.25 11.83 -10.08
N SER A 50 -18.95 10.73 -9.80
CA SER A 50 -18.70 9.94 -8.59
C SER A 50 -17.25 9.54 -8.60
N ARG A 51 -16.71 9.37 -9.81
CA ARG A 51 -15.40 8.79 -9.98
C ARG A 51 -14.39 9.80 -9.49
N THR A 52 -14.65 11.08 -9.77
CA THR A 52 -13.75 12.13 -9.33
C THR A 52 -13.71 12.13 -7.81
N ILE A 53 -14.85 11.89 -7.18
CA ILE A 53 -14.86 11.85 -5.74
C ILE A 53 -14.05 10.66 -5.28
N GLN A 54 -14.31 9.48 -5.87
CA GLN A 54 -13.58 8.27 -5.50
CA GLN A 54 -13.57 8.26 -5.51
C GLN A 54 -12.07 8.53 -5.47
N ASN A 55 -11.52 9.02 -6.60
CA ASN A 55 -10.10 9.29 -6.76
C ASN A 55 -9.48 10.30 -5.79
N GLU A 57 -10.66 11.01 -2.93
CA GLU A 57 -10.68 10.38 -1.62
C GLU A 57 -9.50 9.44 -1.41
N LYS A 58 -9.08 8.73 -2.45
CA LYS A 58 -7.89 7.89 -2.36
C LYS A 58 -6.63 8.75 -2.29
N ASP A 59 -6.41 9.60 -3.30
CA ASP A 59 -5.21 10.44 -3.39
C ASP A 59 -5.64 11.88 -3.67
N SER A 60 -5.42 12.80 -2.73
CA SER A 60 -5.83 14.20 -2.92
C SER A 60 -4.67 15.05 -3.42
N THR A 61 -3.51 14.47 -3.65
CA THR A 61 -2.35 15.28 -4.00
C THR A 61 -2.69 16.34 -5.06
N ASN A 62 -3.54 16.03 -6.01
CA ASN A 62 -3.70 16.92 -7.15
C ASN A 62 -5.08 17.54 -7.26
N ILE A 63 -5.84 17.54 -6.19
CA ILE A 63 -7.15 18.14 -6.23
C ILE A 63 -7.16 19.60 -6.75
N LYS A 64 -8.17 19.95 -7.52
CA LYS A 64 -8.28 21.30 -8.04
C LYS A 64 -8.85 22.22 -6.98
N ASP A 65 -8.30 23.39 -6.85
CA ASP A 65 -8.78 24.26 -5.82
C ASP A 65 -10.28 24.62 -5.96
N SER A 66 -10.79 24.60 -7.18
CA SER A 66 -12.23 24.76 -7.37
C SER A 66 -12.99 23.66 -6.63
N LEU A 67 -12.52 22.42 -6.69
CA LEU A 67 -13.19 21.32 -5.97
C LEU A 67 -12.96 21.43 -4.47
N LEU A 68 -11.73 21.66 -4.04
CA LEU A 68 -11.41 21.96 -2.66
C LEU A 68 -12.26 23.05 -2.03
N SER A 69 -12.43 24.18 -2.71
CA SER A 69 -13.28 25.24 -2.18
C SER A 69 -14.68 24.71 -1.92
N LYS A 70 -15.12 23.71 -2.67
CA LYS A 70 -16.49 23.34 -2.55
C LYS A 70 -16.64 22.56 -1.26
N TYR A 71 -15.61 21.77 -0.97
CA TYR A 71 -15.55 21.09 0.29
C TYR A 71 -15.54 22.08 1.42
N SER A 73 -16.63 25.01 1.60
CA SER A 73 -17.83 25.78 1.74
C SER A 73 -18.97 24.92 2.27
N ALA A 74 -19.03 23.67 1.84
CA ALA A 74 -20.12 22.80 2.24
C ALA A 74 -19.93 22.24 3.66
N PHE A 75 -18.69 21.99 4.09
CA PHE A 75 -18.46 21.47 5.43
C PHE A 75 -17.93 22.51 6.43
N ASN A 76 -17.82 23.75 5.98
CA ASN A 76 -17.44 24.86 6.81
C ASN A 76 -16.09 24.65 7.47
N VAL A 77 -15.11 24.27 6.67
CA VAL A 77 -13.79 24.11 7.22
C VAL A 77 -12.81 24.99 6.50
N LYS A 78 -11.76 25.40 7.21
CA LYS A 78 -10.69 26.19 6.62
C LYS A 78 -9.70 25.28 5.90
N TYR A 79 -8.94 25.83 4.95
CA TYR A 79 -7.90 25.10 4.25
C TYR A 79 -7.00 24.28 5.18
N ASP A 80 -6.56 24.85 6.28
CA ASP A 80 -5.73 24.12 7.21
C ASP A 80 -6.45 23.05 8.04
N ASP A 81 -7.77 22.87 7.84
CA ASP A 81 -8.59 21.88 8.56
C ASP A 81 -8.75 20.60 7.73
N ILE A 82 -8.26 20.60 6.50
CA ILE A 82 -8.42 19.47 5.62
C ILE A 82 -7.10 18.78 5.39
N PHE A 83 -7.08 17.49 5.62
CA PHE A 83 -5.92 16.70 5.29
C PHE A 83 -5.91 16.33 3.83
N LEU A 84 -4.84 16.68 3.13
CA LEU A 84 -4.64 16.31 1.74
C LEU A 84 -3.42 15.41 1.59
N GLY A 85 -3.47 14.34 0.83
CA GLY A 85 -2.31 13.44 0.73
C GLY A 85 -2.66 12.18 -0.02
N ASN A 86 -1.64 11.35 -0.29
CA ASN A 86 -1.91 10.13 -1.00
C ASN A 86 -2.55 9.09 -0.12
N GLU A 87 -2.80 7.92 -0.67
CA GLU A 87 -3.60 6.96 0.05
C GLU A 87 -2.88 6.45 1.28
N TYR A 88 -1.56 6.43 1.23
CA TYR A 88 -0.80 6.02 2.40
C TYR A 88 -0.77 7.08 3.54
N GLU A 89 -0.53 8.34 3.21
CA GLU A 89 -0.58 9.43 4.17
C GLU A 89 -1.97 9.50 4.85
N ASN A 90 -3.01 9.40 4.05
CA ASN A 90 -4.32 9.17 4.51
C ASN A 90 -4.47 8.08 5.54
N PHE A 91 -4.01 6.88 5.17
CA PHE A 91 -4.05 5.79 6.08
C PHE A 91 -3.36 6.08 7.43
N VAL A 92 -2.11 6.54 7.37
CA VAL A 92 -1.38 6.84 8.57
C VAL A 92 -2.14 7.87 9.42
N PHE A 93 -2.69 8.87 8.74
CA PHE A 93 -3.38 9.95 9.42
C PHE A 93 -4.68 9.43 10.12
N THR A 94 -5.52 8.68 9.41
CA THR A 94 -6.74 8.26 10.06
C THR A 94 -6.42 7.19 11.09
N ASN A 95 -5.40 6.40 10.84
CA ASN A 95 -5.10 5.35 11.77
C ASN A 95 -4.44 5.88 13.06
N ASP A 96 -3.58 6.92 12.95
CA ASP A 96 -3.08 7.59 14.14
C ASP A 96 -4.21 8.17 15.00
N LYS A 97 -5.18 8.84 14.37
CA LYS A 97 -6.32 9.34 15.10
C LYS A 97 -7.04 8.22 15.89
N LYS A 98 -7.24 7.09 15.25
CA LYS A 98 -7.79 5.94 15.93
C LYS A 98 -6.98 5.49 17.14
N LYS A 99 -5.68 5.33 16.97
CA LYS A 99 -4.89 4.84 18.08
C LYS A 99 -5.01 5.85 19.22
N SER A 100 -5.14 7.12 18.85
CA SER A 100 -5.23 8.19 19.83
C SER A 100 -6.48 8.12 20.70
N ILE A 101 -7.62 8.07 20.03
CA ILE A 101 -8.88 7.93 20.74
C ILE A 101 -8.83 6.84 21.79
N ILE A 102 -8.27 5.71 21.40
CA ILE A 102 -8.12 4.54 22.25
C ILE A 102 -7.16 4.75 23.42
N LEU A 103 -6.00 5.31 23.10
CA LEU A 103 -4.97 5.54 24.12
C LEU A 103 -5.47 6.56 25.14
N ALA A 104 -6.06 7.64 24.67
CA ALA A 104 -6.59 8.66 25.58
C ALA A 104 -7.64 8.11 26.55
N PHE A 105 -8.61 7.37 26.02
CA PHE A 105 -9.56 6.73 26.86
C PHE A 105 -8.96 5.80 27.92
N LYS A 106 -8.10 4.86 27.52
CA LYS A 106 -7.57 3.87 28.50
C LYS A 106 -6.78 4.61 29.56
N GLU A 107 -6.10 5.68 29.15
CA GLU A 107 -5.23 6.44 30.03
C GLU A 107 -5.94 7.24 31.11
N LYS A 108 -7.26 7.28 31.07
CA LYS A 108 -8.03 7.93 32.12
C LYS A 108 -8.47 6.89 33.12
N GLN A 109 -8.45 5.62 32.70
CA GLN A 109 -8.86 4.52 33.58
C GLN A 109 -7.62 3.91 34.25
N ASN B 17 -37.85 18.82 9.98
CA ASN B 17 -36.36 18.54 9.95
C ASN B 17 -35.72 18.26 11.34
N LEU B 18 -35.37 17.01 11.57
CA LEU B 18 -34.98 16.55 12.88
C LEU B 18 -33.58 17.00 13.33
N TYR B 19 -32.68 17.25 12.38
CA TYR B 19 -31.29 17.51 12.71
C TYR B 19 -31.11 18.97 13.10
N PHE B 20 -31.98 19.78 12.52
CA PHE B 20 -31.95 21.24 12.60
C PHE B 20 -32.70 21.66 13.88
N GLN B 21 -33.73 20.88 14.22
CA GLN B 21 -34.57 21.00 15.42
C GLN B 21 -33.82 20.58 16.68
N SER B 22 -32.70 19.89 16.48
CA SER B 22 -31.97 19.19 17.55
C SER B 22 -30.61 19.84 17.96
N ASN B 23 -30.36 19.84 19.27
CA ASN B 23 -29.02 20.06 19.78
C ASN B 23 -28.07 18.89 19.44
N ALA B 24 -28.62 17.70 19.14
CA ALA B 24 -27.78 16.55 18.92
C ALA B 24 -26.98 16.63 17.62
N LYS B 26 -24.48 13.88 16.71
CA LYS B 26 -24.02 12.59 16.27
C LYS B 26 -24.85 11.48 16.85
N THR B 27 -24.98 10.36 16.14
CA THR B 27 -25.55 9.15 16.76
C THR B 27 -24.43 8.29 17.36
N LEU B 28 -24.80 7.30 18.18
CA LEU B 28 -23.81 6.39 18.74
C LEU B 28 -23.00 5.76 17.63
N LYS B 29 -23.68 5.25 16.61
CA LYS B 29 -22.98 4.66 15.50
C LYS B 29 -21.97 5.62 14.87
N GLU B 30 -22.35 6.89 14.78
CA GLU B 30 -21.45 7.84 14.12
C GLU B 30 -20.19 8.11 14.95
N LEU B 31 -20.32 8.11 16.27
CA LEU B 31 -19.18 8.37 17.09
C LEU B 31 -18.17 7.30 16.83
N ARG B 32 -18.66 6.08 16.70
CA ARG B 32 -17.81 4.92 16.48
C ARG B 32 -17.13 4.96 15.12
N THR B 33 -17.95 5.19 14.08
CA THR B 33 -17.48 5.11 12.70
C THR B 33 -16.56 6.26 12.36
N ASP B 34 -16.70 7.37 13.03
CA ASP B 34 -15.84 8.52 12.78
C ASP B 34 -14.39 8.14 12.97
N TYR B 35 -14.12 7.06 13.66
CA TYR B 35 -12.74 6.60 13.81
C TYR B 35 -12.54 5.19 13.27
N GLY B 36 -13.50 4.74 12.47
CA GLY B 36 -13.40 3.42 11.87
C GLY B 36 -13.01 2.38 12.91
N LEU B 37 -13.61 2.50 14.09
CA LEU B 37 -13.52 1.45 15.06
C LEU B 37 -14.60 0.43 14.72
N THR B 38 -14.28 -0.85 14.76
CA THR B 38 -15.29 -1.90 14.65
C THR B 38 -16.14 -2.04 15.97
N GLN B 39 -17.35 -2.58 15.86
CA GLN B 39 -18.16 -2.75 17.03
C GLN B 39 -17.39 -3.56 18.07
N LYS B 40 -16.64 -4.56 17.58
CA LYS B 40 -15.80 -5.41 18.42
C LYS B 40 -14.69 -4.59 19.13
N GLU B 41 -13.91 -3.82 18.38
CA GLU B 41 -12.95 -2.93 19.02
C GLU B 41 -13.61 -2.07 20.12
N LEU B 42 -14.80 -1.52 19.83
CA LEU B 42 -15.47 -0.64 20.76
C LEU B 42 -15.99 -1.36 21.99
N GLY B 43 -16.51 -2.56 21.81
CA GLY B 43 -16.85 -3.42 22.93
C GLY B 43 -15.66 -3.70 23.86
N ASP B 44 -14.52 -4.05 23.27
CA ASP B 44 -13.37 -4.36 24.06
C ASP B 44 -12.94 -3.08 24.74
N LEU B 45 -13.04 -1.95 24.03
CA LEU B 45 -12.67 -0.68 24.66
C LEU B 45 -13.61 -0.31 25.81
N PHE B 46 -14.89 -0.68 25.71
CA PHE B 46 -15.89 -0.32 26.75
C PHE B 46 -16.33 -1.43 27.67
N LYS B 47 -15.77 -2.62 27.49
CA LYS B 47 -16.00 -3.75 28.40
C LYS B 47 -17.45 -4.20 28.39
N VAL B 48 -17.95 -4.39 27.17
CA VAL B 48 -19.27 -4.97 26.90
C VAL B 48 -19.15 -5.73 25.58
N SER B 49 -20.08 -6.62 25.29
CA SER B 49 -20.00 -7.38 24.02
C SER B 49 -20.32 -6.53 22.80
N SER B 50 -19.88 -7.01 21.64
CA SER B 50 -20.28 -6.45 20.36
C SER B 50 -21.78 -6.30 20.27
N ARG B 51 -22.47 -7.34 20.68
CA ARG B 51 -23.89 -7.37 20.56
C ARG B 51 -24.49 -6.22 21.38
N THR B 52 -23.87 -5.88 22.51
CA THR B 52 -24.32 -4.67 23.19
C THR B 52 -24.14 -3.46 22.28
N ILE B 53 -23.04 -3.37 21.55
CA ILE B 53 -22.85 -2.19 20.76
C ILE B 53 -23.83 -2.14 19.61
N GLN B 54 -24.03 -3.30 18.95
CA GLN B 54 -25.04 -3.46 17.88
C GLN B 54 -26.36 -2.91 18.41
N ASN B 55 -26.82 -3.49 19.52
CA ASN B 55 -28.13 -3.17 20.04
C ASN B 55 -28.28 -1.66 20.35
N GLU B 57 -26.62 0.74 19.03
CA GLU B 57 -26.62 1.53 17.80
C GLU B 57 -27.98 1.41 17.08
N LYS B 58 -28.66 0.28 17.26
CA LYS B 58 -29.94 0.09 16.64
C LYS B 58 -30.98 0.98 17.35
N ASP B 59 -30.98 0.94 18.68
CA ASP B 59 -31.96 1.63 19.52
C ASP B 59 -31.25 2.05 20.80
N SER B 60 -31.15 3.35 21.03
CA SER B 60 -30.39 3.95 22.13
C SER B 60 -31.33 4.33 23.26
N THR B 61 -32.63 4.22 23.02
CA THR B 61 -33.64 4.69 23.94
C THR B 61 -33.42 4.28 25.39
N ASN B 62 -32.91 3.11 25.62
CA ASN B 62 -32.73 2.69 26.98
C ASN B 62 -31.31 2.58 27.43
N ILE B 63 -30.39 3.24 26.71
CA ILE B 63 -29.00 3.17 27.08
C ILE B 63 -28.78 3.51 28.56
N LYS B 64 -27.97 2.67 29.22
CA LYS B 64 -27.53 2.90 30.63
C LYS B 64 -26.52 4.01 30.73
N ASP B 65 -26.64 4.86 31.73
CA ASP B 65 -25.70 5.94 31.86
C ASP B 65 -24.25 5.48 31.95
N SER B 66 -24.02 4.35 32.63
CA SER B 66 -22.64 3.81 32.76
C SER B 66 -21.99 3.69 31.39
N LEU B 67 -22.79 3.45 30.35
CA LEU B 67 -22.30 3.23 28.98
C LEU B 67 -22.26 4.55 28.19
N LEU B 68 -23.38 5.28 28.17
CA LEU B 68 -23.38 6.65 27.69
C LEU B 68 -22.14 7.42 28.16
N SER B 69 -21.73 7.26 29.39
CA SER B 69 -20.65 8.11 29.91
C SER B 69 -19.36 7.77 29.26
N LYS B 70 -19.22 6.52 28.81
CA LYS B 70 -17.99 6.14 28.18
C LYS B 70 -17.88 6.77 26.79
N TYR B 71 -18.97 6.68 26.01
CA TYR B 71 -19.13 7.49 24.80
C TYR B 71 -18.75 8.96 25.01
N SER B 73 -16.95 10.29 27.24
CA SER B 73 -15.57 10.37 27.65
C SER B 73 -14.59 10.07 26.50
N ALA B 74 -14.79 8.95 25.81
CA ALA B 74 -13.89 8.49 24.77
C ALA B 74 -13.87 9.48 23.62
N PHE B 75 -15.03 9.98 23.26
CA PHE B 75 -15.21 10.79 22.07
C PHE B 75 -15.30 12.29 22.34
N ASN B 76 -14.95 12.70 23.55
CA ASN B 76 -15.01 14.11 23.99
CA ASN B 76 -14.96 14.10 23.91
C ASN B 76 -16.24 14.85 23.49
N VAL B 77 -17.42 14.34 23.88
CA VAL B 77 -18.68 15.02 23.60
C VAL B 77 -19.55 15.22 24.81
N LYS B 78 -20.47 16.18 24.73
CA LYS B 78 -21.43 16.43 25.81
CA LYS B 78 -21.44 16.46 25.80
C LYS B 78 -22.69 15.62 25.60
N TYR B 79 -23.45 15.43 26.67
CA TYR B 79 -24.72 14.76 26.58
C TYR B 79 -25.55 15.34 25.41
N ASP B 80 -25.79 16.64 25.34
CA ASP B 80 -26.49 17.25 24.21
C ASP B 80 -25.98 16.99 22.78
N ASP B 81 -24.73 16.58 22.63
CA ASP B 81 -24.19 16.36 21.31
C ASP B 81 -24.61 15.01 20.80
N ILE B 82 -25.15 14.17 21.66
CA ILE B 82 -25.42 12.82 21.21
C ILE B 82 -26.88 12.59 20.94
N PHE B 83 -27.16 12.01 19.79
CA PHE B 83 -28.53 11.67 19.46
C PHE B 83 -28.89 10.30 20.00
N LEU B 84 -30.00 10.24 20.73
CA LEU B 84 -30.43 8.99 21.35
C LEU B 84 -31.83 8.63 20.88
N GLY B 85 -32.12 7.42 20.48
CA GLY B 85 -33.49 7.11 20.05
C GLY B 85 -33.55 5.77 19.40
N ASN B 86 -34.71 5.43 18.82
CA ASN B 86 -34.90 4.11 18.25
C ASN B 86 -34.47 4.07 16.78
N GLU B 87 -34.51 2.92 16.11
CA GLU B 87 -33.84 2.80 14.83
C GLU B 87 -34.45 3.80 13.86
N TYR B 88 -35.70 4.13 14.09
CA TYR B 88 -36.42 4.95 13.15
C TYR B 88 -35.94 6.36 13.33
N GLU B 89 -35.84 6.78 14.57
CA GLU B 89 -35.41 8.11 14.90
C GLU B 89 -34.00 8.34 14.42
N ASN B 90 -33.10 7.38 14.62
CA ASN B 90 -31.76 7.56 14.12
CA ASN B 90 -31.75 7.43 14.07
C ASN B 90 -31.77 7.84 12.61
N PHE B 91 -32.63 7.17 11.88
CA PHE B 91 -32.62 7.31 10.47
C PHE B 91 -33.06 8.71 10.06
N VAL B 92 -34.17 9.15 10.62
CA VAL B 92 -34.74 10.42 10.33
C VAL B 92 -33.70 11.45 10.68
N PHE B 93 -32.99 11.24 11.78
CA PHE B 93 -32.00 12.17 12.19
C PHE B 93 -30.80 12.26 11.21
N THR B 94 -30.21 11.13 10.83
CA THR B 94 -29.02 11.18 10.01
C THR B 94 -29.45 11.66 8.66
N ASN B 95 -30.58 11.12 8.22
CA ASN B 95 -31.13 11.45 6.93
C ASN B 95 -31.36 12.94 6.91
N ASP B 96 -31.93 13.49 7.97
CA ASP B 96 -32.17 14.91 7.99
C ASP B 96 -30.87 15.72 8.02
N LYS B 97 -29.89 15.24 8.75
CA LYS B 97 -28.55 15.83 8.75
C LYS B 97 -27.90 16.01 7.34
N LYS B 98 -27.99 14.98 6.51
CA LYS B 98 -27.45 14.97 5.17
C LYS B 98 -28.13 16.04 4.31
N LYS B 99 -29.45 16.16 4.45
CA LYS B 99 -30.24 17.11 3.66
C LYS B 99 -29.93 18.56 4.07
N SER B 100 -29.76 18.79 5.36
CA SER B 100 -29.30 20.08 5.87
C SER B 100 -28.09 20.63 5.13
N ILE B 101 -27.04 19.80 5.07
CA ILE B 101 -25.78 20.13 4.45
C ILE B 101 -25.97 20.39 3.01
N ILE B 102 -26.81 19.60 2.35
CA ILE B 102 -27.02 19.75 0.91
C ILE B 102 -27.73 21.03 0.61
N LEU B 103 -28.58 21.40 1.55
CA LEU B 103 -29.50 22.48 1.31
C LEU B 103 -28.81 23.76 1.66
N ALA B 104 -28.00 23.74 2.72
CA ALA B 104 -27.17 24.88 3.06
C ALA B 104 -26.17 25.21 1.94
N PHE B 105 -25.49 24.18 1.44
CA PHE B 105 -24.59 24.37 0.32
C PHE B 105 -25.33 24.97 -0.89
N LYS B 106 -26.53 24.51 -1.18
CA LYS B 106 -27.25 24.97 -2.39
C LYS B 106 -27.78 26.40 -2.26
N GLU B 107 -27.81 26.91 -1.03
CA GLU B 107 -28.21 28.27 -0.72
C GLU B 107 -27.07 29.22 -1.03
N LYS B 108 -26.31 28.94 -2.09
CA LYS B 108 -25.33 29.91 -2.67
C LYS B 108 -24.83 29.46 -4.02
N ASN C 17 -6.44 -10.39 -1.33
CA ASN C 17 -5.01 -10.47 -0.91
C ASN C 17 -4.00 -10.06 -2.02
N LEU C 18 -3.27 -8.96 -1.83
CA LEU C 18 -2.46 -8.37 -2.91
C LEU C 18 -1.18 -9.17 -3.24
N TYR C 19 -0.58 -9.79 -2.21
CA TYR C 19 0.58 -10.66 -2.35
C TYR C 19 0.26 -11.96 -3.11
N PHE C 20 -0.94 -12.48 -2.90
CA PHE C 20 -1.43 -13.64 -3.64
C PHE C 20 -1.96 -13.27 -5.06
N GLN C 21 -2.62 -12.11 -5.20
CA GLN C 21 -3.20 -11.56 -6.46
CA GLN C 21 -3.19 -11.70 -6.51
C GLN C 21 -2.10 -11.29 -7.50
N SER C 22 -0.88 -11.17 -7.02
CA SER C 22 0.18 -10.59 -7.84
C SER C 22 1.39 -11.52 -8.08
N ASN C 23 2.25 -11.12 -9.00
CA ASN C 23 3.47 -11.89 -9.27
C ASN C 23 4.65 -11.42 -8.46
N ALA C 24 4.65 -10.17 -8.04
CA ALA C 24 5.80 -9.72 -7.33
C ALA C 24 6.08 -10.58 -6.07
N LYS C 26 8.96 -9.53 -4.07
CA LYS C 26 9.71 -8.67 -3.19
C LYS C 26 9.63 -7.22 -3.61
N THR C 27 9.39 -6.31 -2.69
CA THR C 27 9.49 -4.89 -3.03
C THR C 27 10.97 -4.43 -3.08
N LEU C 28 11.18 -3.18 -3.50
CA LEU C 28 12.51 -2.62 -3.60
C LEU C 28 13.20 -2.52 -2.21
N LYS C 29 12.47 -2.08 -1.18
CA LYS C 29 12.97 -2.04 0.18
C LYS C 29 13.35 -3.43 0.68
N GLU C 30 12.54 -4.42 0.39
CA GLU C 30 12.83 -5.78 0.84
C GLU C 30 14.14 -6.28 0.21
N LEU C 31 14.32 -5.97 -1.07
CA LEU C 31 15.50 -6.39 -1.79
C LEU C 31 16.75 -5.89 -1.13
N ARG C 32 16.71 -4.66 -0.64
CA ARG C 32 17.84 -4.09 0.02
C ARG C 32 18.00 -4.69 1.43
N THR C 33 16.89 -4.89 2.15
CA THR C 33 17.01 -5.23 3.57
C THR C 33 17.27 -6.68 3.74
N ASP C 34 17.04 -7.48 2.71
CA ASP C 34 17.48 -8.87 2.76
C ASP C 34 18.98 -9.05 2.98
N TYR C 35 19.77 -7.98 2.77
CA TYR C 35 21.23 -8.04 2.84
C TYR C 35 21.74 -6.94 3.76
N GLY C 36 20.83 -6.42 4.58
CA GLY C 36 21.17 -5.38 5.52
C GLY C 36 21.99 -4.27 4.91
N LEU C 37 21.60 -3.79 3.71
CA LEU C 37 22.23 -2.61 3.16
C LEU C 37 21.50 -1.35 3.62
N THR C 38 22.25 -0.31 3.96
CA THR C 38 21.61 0.98 4.19
C THR C 38 21.23 1.60 2.84
N GLN C 39 20.47 2.70 2.87
CA GLN C 39 20.05 3.33 1.67
C GLN C 39 21.26 4.04 1.04
N LYS C 40 22.26 4.35 1.89
CA LYS C 40 23.45 5.04 1.43
C LYS C 40 24.37 4.06 0.72
N GLU C 41 24.50 2.86 1.29
CA GLU C 41 25.37 1.86 0.69
C GLU C 41 24.85 1.44 -0.65
N LEU C 42 23.53 1.36 -0.79
CA LEU C 42 22.92 0.90 -2.04
C LEU C 42 22.96 2.02 -3.06
N GLY C 43 22.77 3.25 -2.59
CA GLY C 43 22.88 4.42 -3.45
C GLY C 43 24.27 4.47 -4.01
N ASP C 44 25.27 4.28 -3.16
CA ASP C 44 26.66 4.20 -3.61
C ASP C 44 26.83 3.07 -4.63
N LEU C 45 26.28 1.90 -4.30
CA LEU C 45 26.39 0.75 -5.17
C LEU C 45 25.72 1.01 -6.54
N PHE C 46 24.66 1.78 -6.53
CA PHE C 46 23.93 1.97 -7.74
C PHE C 46 24.26 3.29 -8.38
N LYS C 47 25.27 3.98 -7.87
CA LYS C 47 25.70 5.24 -8.45
C LYS C 47 24.56 6.27 -8.48
N VAL C 48 23.87 6.35 -7.36
CA VAL C 48 22.65 7.12 -7.29
C VAL C 48 22.55 7.67 -5.86
N SER C 49 21.92 8.82 -5.65
CA SER C 49 21.86 9.32 -4.27
C SER C 49 21.01 8.51 -3.31
N SER C 50 21.28 8.66 -2.04
CA SER C 50 20.40 8.13 -0.98
C SER C 50 18.95 8.49 -1.16
N ARG C 51 18.72 9.77 -1.35
CA ARG C 51 17.41 10.32 -1.45
C ARG C 51 16.68 9.56 -2.54
N THR C 52 17.38 9.22 -3.61
CA THR C 52 16.76 8.50 -4.71
C THR C 52 16.28 7.10 -4.29
N ILE C 53 17.09 6.39 -3.52
CA ILE C 53 16.65 5.11 -3.03
C ILE C 53 15.41 5.25 -2.14
N GLN C 54 15.41 6.21 -1.22
CA GLN C 54 14.24 6.52 -0.39
C GLN C 54 13.02 6.73 -1.30
N ASN C 55 13.13 7.62 -2.26
CA ASN C 55 11.99 7.88 -3.11
C ASN C 55 11.49 6.63 -3.81
N GLU C 57 11.76 3.58 -2.89
CA GLU C 57 11.20 2.68 -1.92
C GLU C 57 9.81 3.15 -1.52
N LYS C 58 9.60 4.46 -1.41
CA LYS C 58 8.26 4.98 -1.24
C LYS C 58 7.33 4.66 -2.44
N ASP C 59 7.75 5.02 -3.64
CA ASP C 59 6.87 5.01 -4.80
C ASP C 59 7.74 4.71 -6.04
N SER C 60 7.57 3.52 -6.61
CA SER C 60 8.41 3.09 -7.74
C SER C 60 7.67 3.21 -9.06
N THR C 61 6.47 3.75 -9.02
CA THR C 61 5.66 3.85 -10.19
C THR C 61 6.44 4.32 -11.42
N ASN C 62 7.41 5.20 -11.20
CA ASN C 62 8.10 5.82 -12.30
C ASN C 62 9.57 5.48 -12.31
N ILE C 63 9.94 4.39 -11.63
CA ILE C 63 11.31 3.95 -11.64
C ILE C 63 11.78 3.84 -13.06
N LYS C 64 12.99 4.34 -13.30
CA LYS C 64 13.59 4.28 -14.61
C LYS C 64 14.19 2.90 -14.79
N ASP C 65 14.02 2.33 -15.99
CA ASP C 65 14.61 0.99 -16.25
C ASP C 65 16.08 0.85 -15.93
N SER C 66 16.84 1.93 -16.04
CA SER C 66 18.26 1.88 -15.75
C SER C 66 18.54 1.67 -14.27
N LEU C 67 17.62 2.10 -13.41
CA LEU C 67 17.73 1.78 -11.99
C LEU C 67 17.20 0.40 -11.75
N LEU C 68 16.05 0.08 -12.35
CA LEU C 68 15.40 -1.23 -12.14
C LEU C 68 16.33 -2.37 -12.45
N SER C 69 17.13 -2.18 -13.49
CA SER C 69 17.85 -3.29 -14.00
C SER C 69 19.10 -3.52 -13.15
N LYS C 70 19.49 -2.52 -12.38
CA LYS C 70 20.53 -2.69 -11.41
C LYS C 70 20.01 -3.50 -10.25
N TYR C 71 18.79 -3.21 -9.77
CA TYR C 71 18.16 -4.13 -8.79
C TYR C 71 18.05 -5.55 -9.35
N SER C 73 19.89 -6.99 -11.46
CA SER C 73 21.21 -7.60 -11.60
C SER C 73 21.83 -7.97 -10.21
N ALA C 74 21.84 -7.02 -9.30
CA ALA C 74 22.49 -7.20 -8.02
C ALA C 74 21.82 -8.30 -7.18
N PHE C 75 20.50 -8.43 -7.29
CA PHE C 75 19.78 -9.37 -6.44
C PHE C 75 19.30 -10.60 -7.15
N ASN C 76 19.78 -10.78 -8.37
CA ASN C 76 19.43 -11.94 -9.15
CA ASN C 76 19.39 -11.92 -9.23
C ASN C 76 17.89 -12.18 -9.16
N VAL C 77 17.09 -11.14 -9.43
CA VAL C 77 15.64 -11.30 -9.59
C VAL C 77 15.10 -10.90 -10.97
N LYS C 78 14.02 -11.55 -11.39
CA LYS C 78 13.31 -11.23 -12.65
CA LYS C 78 13.40 -11.18 -12.65
C LYS C 78 12.41 -10.00 -12.47
N TYR C 79 12.12 -9.31 -13.59
CA TYR C 79 11.17 -8.21 -13.63
C TYR C 79 9.87 -8.57 -12.85
N ASP C 80 9.29 -9.72 -13.13
CA ASP C 80 8.08 -10.16 -12.46
C ASP C 80 8.23 -10.45 -10.95
N ASP C 81 9.45 -10.67 -10.47
CA ASP C 81 9.66 -10.93 -9.09
C ASP C 81 9.54 -9.66 -8.31
N ILE C 82 9.63 -8.51 -8.96
CA ILE C 82 9.72 -7.27 -8.19
C ILE C 82 8.37 -6.59 -8.09
N PHE C 83 8.02 -6.15 -6.90
CA PHE C 83 6.77 -5.42 -6.79
C PHE C 83 7.03 -3.97 -7.05
N LEU C 84 6.29 -3.39 -7.98
CA LEU C 84 6.42 -1.97 -8.22
C LEU C 84 5.11 -1.28 -7.93
N GLY C 85 5.14 -0.07 -7.36
CA GLY C 85 3.90 0.72 -7.15
C GLY C 85 4.04 1.86 -6.15
N ASN C 86 2.92 2.45 -5.75
CA ASN C 86 3.02 3.62 -4.85
C ASN C 86 3.10 3.25 -3.38
N GLU C 87 3.16 4.23 -2.51
CA GLU C 87 3.46 3.93 -1.12
C GLU C 87 2.39 3.04 -0.46
N TYR C 88 1.14 3.21 -0.87
CA TYR C 88 0.10 2.46 -0.21
C TYR C 88 0.05 1.06 -0.79
N GLU C 89 0.12 0.94 -2.11
CA GLU C 89 0.33 -0.32 -2.78
C GLU C 89 1.47 -1.13 -2.12
N ASN C 90 2.58 -0.48 -1.76
CA ASN C 90 3.66 -1.19 -1.12
C ASN C 90 3.20 -1.75 0.23
N PHE C 91 2.51 -0.91 0.98
CA PHE C 91 2.06 -1.26 2.31
C PHE C 91 1.06 -2.43 2.31
N VAL C 92 0.09 -2.41 1.38
CA VAL C 92 -0.87 -3.48 1.30
C VAL C 92 -0.21 -4.78 0.88
N PHE C 93 0.79 -4.70 0.01
CA PHE C 93 1.41 -5.86 -0.56
C PHE C 93 2.20 -6.52 0.58
N THR C 94 3.01 -5.70 1.26
CA THR C 94 3.80 -6.14 2.38
C THR C 94 2.90 -6.79 3.44
N ASN C 95 1.87 -6.10 3.88
CA ASN C 95 0.97 -6.67 4.86
CA ASN C 95 0.91 -6.63 4.85
C ASN C 95 0.29 -7.96 4.37
N ASP C 96 -0.11 -8.03 3.11
CA ASP C 96 -0.77 -9.23 2.61
C ASP C 96 0.14 -10.47 2.57
N LYS C 97 1.42 -10.24 2.34
CA LYS C 97 2.44 -11.26 2.33
C LYS C 97 2.45 -11.93 3.68
N LYS C 98 2.64 -11.09 4.68
CA LYS C 98 2.76 -11.54 6.01
C LYS C 98 1.51 -12.29 6.39
N LYS C 99 0.36 -11.84 5.92
CA LYS C 99 -0.89 -12.54 6.31
C LYS C 99 -1.04 -13.90 5.65
N SER C 100 -0.56 -13.99 4.41
CA SER C 100 -0.43 -15.21 3.62
C SER C 100 0.38 -16.27 4.36
N ILE C 101 1.61 -15.92 4.75
CA ILE C 101 2.45 -16.83 5.53
C ILE C 101 1.73 -17.42 6.74
N ILE C 102 1.12 -16.55 7.51
CA ILE C 102 0.45 -16.93 8.75
C ILE C 102 -0.80 -17.74 8.50
N LEU C 103 -1.54 -17.37 7.46
CA LEU C 103 -2.73 -18.11 7.05
C LEU C 103 -2.38 -19.54 6.62
N ALA C 104 -1.46 -19.62 5.63
CA ALA C 104 -0.98 -20.87 5.04
C ALA C 104 -0.51 -21.82 6.11
N PHE C 105 0.29 -21.32 7.05
CA PHE C 105 0.67 -22.12 8.18
C PHE C 105 -0.55 -22.70 8.90
N LYS C 106 -1.49 -21.85 9.28
CA LYS C 106 -2.62 -22.34 10.10
C LYS C 106 -3.46 -23.43 9.45
N GLU C 107 -3.47 -23.45 8.11
CA GLU C 107 -4.19 -24.45 7.34
C GLU C 107 -3.64 -25.83 7.63
N LYS C 108 -2.31 -25.96 7.65
CA LYS C 108 -1.68 -27.20 8.04
C LYS C 108 -1.70 -27.33 9.57
N ASN D 17 4.70 -18.89 -6.28
CA ASN D 17 4.00 -17.61 -5.99
C ASN D 17 3.91 -17.17 -4.52
N LEU D 18 4.03 -18.13 -3.61
CA LEU D 18 3.84 -17.85 -2.19
C LEU D 18 5.18 -17.86 -1.47
N TYR D 19 6.14 -18.60 -2.02
CA TYR D 19 7.49 -18.63 -1.45
C TYR D 19 8.54 -18.23 -2.47
N PHE D 20 9.55 -17.49 -2.00
CA PHE D 20 10.61 -17.02 -2.88
C PHE D 20 11.70 -18.07 -2.86
N GLN D 21 12.05 -18.56 -4.04
CA GLN D 21 13.14 -19.50 -4.11
C GLN D 21 14.47 -18.78 -4.21
N SER D 22 15.28 -18.98 -3.19
CA SER D 22 16.62 -18.39 -3.08
C SER D 22 17.67 -19.27 -3.72
N ASN D 23 18.92 -18.91 -3.46
CA ASN D 23 20.05 -19.40 -4.22
C ASN D 23 21.06 -19.91 -3.16
N ALA D 24 20.60 -19.87 -1.91
CA ALA D 24 21.46 -19.79 -0.77
C ALA D 24 20.67 -20.03 0.49
N LYS D 26 19.35 -19.24 4.61
CA LYS D 26 18.77 -18.17 5.41
C LYS D 26 18.97 -18.46 6.90
N THR D 27 19.15 -17.43 7.71
CA THR D 27 19.16 -17.70 9.13
C THR D 27 17.71 -17.64 9.60
N LEU D 28 17.48 -18.03 10.85
CA LEU D 28 16.14 -18.05 11.37
C LEU D 28 15.60 -16.63 11.38
N LYS D 29 16.42 -15.68 11.80
CA LYS D 29 15.95 -14.33 11.86
C LYS D 29 15.59 -13.84 10.41
N GLU D 30 16.46 -14.10 9.46
CA GLU D 30 16.14 -13.68 8.13
C GLU D 30 14.81 -14.30 7.65
N LEU D 31 14.52 -15.54 8.04
CA LEU D 31 13.27 -16.14 7.60
C LEU D 31 12.14 -15.29 8.12
N ARG D 32 12.21 -14.92 9.39
CA ARG D 32 11.21 -14.06 9.95
C ARG D 32 11.14 -12.64 9.33
N THR D 33 12.27 -11.97 9.15
CA THR D 33 12.20 -10.60 8.61
C THR D 33 11.88 -10.56 7.14
N ASP D 34 12.24 -11.63 6.42
CA ASP D 34 11.90 -11.76 5.00
C ASP D 34 10.39 -11.66 4.75
N TYR D 35 9.57 -12.09 5.69
CA TYR D 35 8.12 -12.06 5.52
C TYR D 35 7.49 -10.99 6.36
N GLY D 36 8.36 -10.25 7.08
CA GLY D 36 7.99 -9.09 7.88
C GLY D 36 7.15 -9.37 9.11
N LEU D 37 7.45 -10.46 9.81
CA LEU D 37 6.76 -10.79 11.05
C LEU D 37 7.60 -10.28 12.18
N THR D 38 6.99 -10.01 13.32
CA THR D 38 7.73 -9.64 14.52
C THR D 38 7.97 -10.89 15.33
N GLN D 39 8.93 -10.84 16.24
CA GLN D 39 9.14 -11.94 17.18
C GLN D 39 7.86 -12.36 17.90
N LYS D 40 7.02 -11.41 18.30
CA LYS D 40 5.76 -11.81 18.96
C LYS D 40 4.90 -12.67 18.02
N GLU D 41 4.78 -12.24 16.76
CA GLU D 41 3.93 -12.87 15.77
C GLU D 41 4.42 -14.29 15.51
N LEU D 42 5.73 -14.44 15.33
CA LEU D 42 6.31 -15.75 15.13
C LEU D 42 6.16 -16.62 16.36
N GLY D 43 6.33 -16.03 17.54
CA GLY D 43 6.00 -16.70 18.80
C GLY D 43 4.58 -17.26 18.80
N ASP D 44 3.58 -16.39 18.68
CA ASP D 44 2.23 -16.87 18.70
C ASP D 44 2.01 -17.92 17.66
N LEU D 45 2.54 -17.67 16.48
CA LEU D 45 2.32 -18.58 15.38
C LEU D 45 2.86 -19.96 15.70
N PHE D 46 4.00 -20.03 16.37
CA PHE D 46 4.70 -21.31 16.61
C PHE D 46 4.46 -21.81 18.04
N LYS D 47 3.57 -21.11 18.76
CA LYS D 47 3.18 -21.48 20.15
C LYS D 47 4.40 -21.67 21.05
N VAL D 48 5.33 -20.72 20.94
CA VAL D 48 6.37 -20.55 21.94
C VAL D 48 6.45 -19.06 22.23
N SER D 49 7.16 -18.69 23.32
CA SER D 49 7.27 -17.26 23.70
C SER D 49 8.25 -16.53 22.82
N SER D 50 8.09 -15.22 22.80
CA SER D 50 9.01 -14.30 22.09
C SER D 50 10.47 -14.51 22.50
N ARG D 51 10.68 -14.74 23.78
CA ARG D 51 12.00 -15.03 24.33
C ARG D 51 12.66 -16.22 23.59
N THR D 52 11.94 -17.35 23.46
CA THR D 52 12.46 -18.50 22.71
C THR D 52 12.82 -18.13 21.27
N ILE D 53 11.97 -17.36 20.61
CA ILE D 53 12.34 -16.84 19.31
C ILE D 53 13.67 -16.06 19.42
N GLN D 54 13.74 -15.00 20.24
CA GLN D 54 14.97 -14.23 20.45
CA GLN D 54 15.00 -14.25 20.33
C GLN D 54 16.17 -15.18 20.68
N ASN D 55 16.02 -16.08 21.65
CA ASN D 55 17.13 -16.95 21.94
C ASN D 55 17.58 -17.74 20.71
N GLU D 57 17.28 -17.01 17.67
CA GLU D 57 17.74 -16.11 16.62
C GLU D 57 19.19 -15.75 16.88
N LYS D 58 19.53 -15.63 18.14
CA LYS D 58 20.90 -15.44 18.62
C LYS D 58 21.77 -16.66 18.39
N ASP D 59 21.35 -17.79 18.94
CA ASP D 59 22.12 -19.02 18.87
C ASP D 59 21.19 -20.23 18.66
N SER D 60 21.31 -20.88 17.52
CA SER D 60 20.43 -22.01 17.21
C SER D 60 21.11 -23.38 17.22
N THR D 61 22.30 -23.45 17.78
CA THR D 61 23.04 -24.68 17.85
C THR D 61 22.17 -25.76 18.48
N ASN D 62 21.25 -25.41 19.36
CA ASN D 62 20.53 -26.45 20.09
C ASN D 62 19.03 -26.42 19.90
N ILE D 63 18.62 -25.84 18.79
CA ILE D 63 17.24 -25.81 18.42
C ILE D 63 16.69 -27.24 18.38
N LYS D 64 15.54 -27.39 18.99
CA LYS D 64 14.80 -28.59 19.02
C LYS D 64 14.16 -28.79 17.67
N ASP D 65 14.06 -30.01 17.21
CA ASP D 65 13.47 -30.25 15.92
C ASP D 65 12.02 -29.85 15.88
N SER D 66 11.30 -30.06 16.96
CA SER D 66 9.91 -29.66 16.97
C SER D 66 9.73 -28.21 16.48
N LEU D 67 10.62 -27.31 16.90
CA LEU D 67 10.56 -25.91 16.51
C LEU D 67 11.14 -25.68 15.10
N LEU D 68 12.23 -26.37 14.77
CA LEU D 68 12.80 -26.26 13.46
C LEU D 68 11.76 -26.65 12.41
N SER D 69 10.97 -27.69 12.70
CA SER D 69 9.99 -28.13 11.73
C SER D 69 9.00 -27.04 11.50
N LYS D 70 8.68 -26.29 12.55
CA LYS D 70 7.68 -25.30 12.34
C LYS D 70 8.23 -24.25 11.40
N TYR D 71 9.53 -23.93 11.53
CA TYR D 71 10.22 -23.04 10.58
C TYR D 71 10.22 -23.53 9.17
N SER D 73 8.16 -25.62 7.64
CA SER D 73 6.82 -25.64 7.14
C SER D 73 6.27 -24.22 6.85
N ALA D 74 6.28 -23.34 7.86
CA ALA D 74 5.80 -21.95 7.70
C ALA D 74 6.41 -21.20 6.49
N PHE D 75 7.70 -21.46 6.23
CA PHE D 75 8.44 -20.78 5.19
C PHE D 75 8.82 -21.65 4.04
N ASN D 76 8.29 -22.86 4.00
CA ASN D 76 8.55 -23.77 2.89
C ASN D 76 10.02 -23.94 2.52
N VAL D 77 10.86 -24.15 3.52
CA VAL D 77 12.27 -24.38 3.26
C VAL D 77 12.74 -25.78 3.66
N LYS D 78 13.67 -26.32 2.86
CA LYS D 78 14.37 -27.54 3.22
C LYS D 78 15.31 -27.26 4.39
N TYR D 79 15.82 -28.31 5.03
CA TYR D 79 16.73 -28.20 6.14
C TYR D 79 18.07 -27.62 5.69
N ASP D 80 18.58 -28.11 4.58
CA ASP D 80 19.77 -27.57 3.98
C ASP D 80 19.65 -26.10 3.58
N ASP D 81 18.42 -25.56 3.50
CA ASP D 81 18.17 -24.17 3.18
C ASP D 81 18.35 -23.27 4.38
N ILE D 82 18.45 -23.84 5.57
CA ILE D 82 18.46 -23.02 6.77
C ILE D 82 19.82 -23.02 7.46
N PHE D 83 20.33 -21.83 7.76
CA PHE D 83 21.58 -21.72 8.49
C PHE D 83 21.38 -21.81 10.01
N LEU D 84 21.96 -22.82 10.65
CA LEU D 84 21.81 -22.93 12.08
C LEU D 84 23.14 -22.72 12.77
N GLY D 85 23.20 -22.09 13.92
CA GLY D 85 24.52 -21.76 14.45
C GLY D 85 24.53 -20.63 15.44
N ASN D 86 25.73 -20.28 15.95
CA ASN D 86 25.79 -19.40 17.09
C ASN D 86 25.81 -17.93 16.67
N GLU D 87 25.85 -17.00 17.61
CA GLU D 87 25.80 -15.56 17.23
C GLU D 87 26.97 -15.07 16.41
N TYR D 88 28.14 -15.59 16.69
CA TYR D 88 29.28 -15.26 15.88
C TYR D 88 29.05 -15.80 14.50
N GLU D 89 28.64 -17.07 14.39
CA GLU D 89 28.57 -17.76 13.10
C GLU D 89 27.54 -17.12 12.20
N ASN D 90 26.37 -16.80 12.78
CA ASN D 90 25.30 -16.07 12.08
C ASN D 90 25.84 -14.83 11.43
N PHE D 91 26.61 -14.07 12.18
CA PHE D 91 27.02 -12.78 11.69
C PHE D 91 28.08 -12.96 10.60
N VAL D 92 29.00 -13.90 10.77
CA VAL D 92 29.96 -14.12 9.72
C VAL D 92 29.23 -14.40 8.36
N PHE D 93 28.20 -15.25 8.46
CA PHE D 93 27.43 -15.79 7.34
C PHE D 93 26.64 -14.65 6.69
N THR D 94 25.85 -13.98 7.51
CA THR D 94 25.15 -12.76 7.12
C THR D 94 26.05 -11.71 6.46
N ASN D 95 27.16 -11.42 7.13
CA ASN D 95 28.06 -10.41 6.67
C ASN D 95 28.69 -10.79 5.33
N ASP D 96 29.14 -12.04 5.24
CA ASP D 96 29.73 -12.57 4.01
C ASP D 96 28.76 -12.45 2.81
N LYS D 97 27.49 -12.81 3.01
CA LYS D 97 26.48 -12.71 1.97
C LYS D 97 26.37 -11.27 1.50
N LYS D 98 26.23 -10.35 2.45
CA LYS D 98 26.12 -8.97 2.09
C LYS D 98 27.30 -8.67 1.23
N LYS D 99 28.47 -9.17 1.60
CA LYS D 99 29.70 -8.81 0.87
C LYS D 99 29.76 -9.39 -0.54
N SER D 100 29.24 -10.61 -0.71
CA SER D 100 29.38 -11.21 -2.01
C SER D 100 28.32 -10.77 -3.03
N ILE D 101 27.19 -10.31 -2.55
CA ILE D 101 26.25 -9.52 -3.36
C ILE D 101 26.89 -8.24 -3.86
N ILE D 102 27.68 -7.58 -3.02
CA ILE D 102 28.31 -6.35 -3.49
C ILE D 102 29.41 -6.62 -4.55
N LEU D 103 30.23 -7.62 -4.27
CA LEU D 103 31.32 -8.04 -5.08
C LEU D 103 30.82 -8.54 -6.46
N ALA D 104 29.78 -9.38 -6.45
CA ALA D 104 29.27 -9.99 -7.68
C ALA D 104 28.64 -8.97 -8.62
N PHE D 105 28.05 -7.91 -8.05
CA PHE D 105 27.45 -6.86 -8.86
C PHE D 105 28.58 -6.03 -9.47
N LYS D 106 29.60 -5.78 -8.66
CA LYS D 106 30.71 -4.90 -9.02
C LYS D 106 31.65 -5.56 -10.07
N GLU D 107 31.78 -6.89 -9.98
CA GLU D 107 32.47 -7.74 -10.94
C GLU D 107 31.73 -7.81 -12.29
N LYS D 108 31.08 -6.74 -12.70
CA LYS D 108 30.16 -6.81 -13.81
C LYS D 108 30.20 -5.52 -14.58
N GLN D 109 30.59 -4.47 -13.87
CA GLN D 109 30.50 -3.10 -14.38
C GLN D 109 31.64 -2.68 -15.35
N ALA E 24 13.40 -14.07 -29.11
CA ALA E 24 12.15 -13.62 -29.82
C ALA E 24 11.71 -12.29 -29.16
N LYS E 26 11.49 -7.63 -29.39
CA LYS E 26 11.06 -6.55 -30.27
C LYS E 26 11.49 -5.21 -29.69
N THR E 27 11.70 -4.22 -30.55
CA THR E 27 12.08 -2.90 -30.07
C THR E 27 10.81 -2.13 -29.82
N LEU E 28 10.85 -1.06 -29.05
CA LEU E 28 9.66 -0.24 -28.89
C LEU E 28 9.09 0.23 -30.26
N LYS E 29 9.99 0.61 -31.15
CA LYS E 29 9.58 1.19 -32.41
C LYS E 29 8.93 0.12 -33.26
N GLU E 30 9.52 -1.07 -33.21
CA GLU E 30 9.04 -2.16 -33.99
C GLU E 30 7.63 -2.51 -33.54
N LEU E 31 7.37 -2.42 -32.24
CA LEU E 31 6.04 -2.67 -31.72
C LEU E 31 5.04 -1.64 -32.25
N ARG E 32 5.41 -0.38 -32.25
CA ARG E 32 4.50 0.61 -32.76
C ARG E 32 4.23 0.42 -34.27
N THR E 33 5.26 0.16 -35.08
CA THR E 33 5.04 0.11 -36.51
C THR E 33 4.27 -1.14 -36.89
N ASP E 34 4.60 -2.26 -36.30
CA ASP E 34 3.83 -3.47 -36.54
C ASP E 34 2.34 -3.24 -36.47
N TYR E 35 1.90 -2.32 -35.62
CA TYR E 35 0.46 -2.11 -35.44
C TYR E 35 -0.02 -0.80 -36.08
N GLY E 36 0.84 -0.16 -36.87
CA GLY E 36 0.41 0.91 -37.77
C GLY E 36 0.04 2.20 -37.07
N LEU E 37 0.68 2.46 -35.94
CA LEU E 37 0.42 3.64 -35.17
C LEU E 37 1.50 4.74 -35.42
N THR E 38 1.08 6.01 -35.45
CA THR E 38 2.02 7.14 -35.51
C THR E 38 2.49 7.37 -34.09
N GLN E 39 3.62 8.08 -33.92
CA GLN E 39 4.11 8.41 -32.58
C GLN E 39 3.07 9.27 -31.85
N LYS E 40 2.39 10.14 -32.60
CA LYS E 40 1.31 10.92 -32.03
C LYS E 40 0.18 10.00 -31.46
N GLU E 41 -0.26 9.01 -32.24
CA GLU E 41 -1.35 8.16 -31.76
C GLU E 41 -0.97 7.34 -30.53
N LEU E 42 0.25 6.84 -30.50
CA LEU E 42 0.71 6.09 -29.35
C LEU E 42 0.91 7.02 -28.16
N GLY E 43 1.49 8.20 -28.40
CA GLY E 43 1.51 9.26 -27.40
C GLY E 43 0.17 9.43 -26.72
N ASP E 44 -0.87 9.69 -27.52
CA ASP E 44 -2.20 9.86 -26.96
C ASP E 44 -2.70 8.64 -26.21
N LEU E 45 -2.42 7.47 -26.73
CA LEU E 45 -2.86 6.24 -26.11
C LEU E 45 -2.22 6.11 -24.73
N PHE E 46 -0.91 6.35 -24.67
CA PHE E 46 -0.13 6.20 -23.45
C PHE E 46 -0.09 7.49 -22.63
N LYS E 47 -0.77 8.53 -23.10
CA LYS E 47 -0.80 9.80 -22.34
C LYS E 47 0.58 10.41 -22.07
N VAL E 48 1.44 10.35 -23.07
CA VAL E 48 2.68 11.09 -23.07
C VAL E 48 2.73 11.86 -24.39
N SER E 49 3.73 12.73 -24.50
CA SER E 49 3.85 13.50 -25.70
C SER E 49 4.42 12.62 -26.79
N SER E 50 4.19 13.01 -28.04
CA SER E 50 4.78 12.28 -29.14
C SER E 50 6.32 12.33 -29.10
N ARG E 51 6.85 13.33 -28.42
CA ARG E 51 8.28 13.45 -28.42
CA ARG E 51 8.30 13.55 -28.33
C ARG E 51 8.91 12.57 -27.34
N THR E 52 8.16 12.29 -26.27
CA THR E 52 8.57 11.31 -25.31
C THR E 52 8.65 9.95 -26.06
N ILE E 53 7.72 9.73 -27.00
CA ILE E 53 7.67 8.50 -27.77
C ILE E 53 8.88 8.36 -28.64
N GLN E 54 9.23 9.41 -29.36
CA GLN E 54 10.40 9.38 -30.22
CA GLN E 54 10.43 9.31 -30.23
C GLN E 54 11.70 9.23 -29.40
N ASN E 55 11.76 9.91 -28.28
CA ASN E 55 12.97 9.80 -27.48
C ASN E 55 13.20 8.36 -27.01
N GLU E 57 12.09 5.65 -28.50
CA GLU E 57 12.46 4.81 -29.62
C GLU E 57 13.93 4.99 -29.94
N LYS E 58 14.44 6.19 -29.85
CA LYS E 58 15.85 6.36 -30.00
C LYS E 58 16.61 5.68 -28.82
N ASP E 59 16.33 6.11 -27.59
CA ASP E 59 17.08 5.62 -26.41
C ASP E 59 16.14 5.36 -25.24
N SER E 60 15.98 4.08 -24.84
CA SER E 60 15.04 3.74 -23.81
C SER E 60 15.72 3.28 -22.51
N THR E 61 17.01 3.48 -22.40
CA THR E 61 17.76 3.17 -21.21
C THR E 61 17.08 3.67 -19.93
N ASN E 62 16.46 4.86 -20.00
CA ASN E 62 15.84 5.45 -18.84
C ASN E 62 14.34 5.44 -18.83
N ILE E 63 13.73 4.58 -19.63
CA ILE E 63 12.29 4.55 -19.68
C ILE E 63 11.75 4.29 -18.28
N LYS E 64 10.68 4.98 -17.96
CA LYS E 64 9.98 4.84 -16.72
C LYS E 64 9.09 3.64 -16.80
N ASP E 65 8.97 2.94 -15.69
CA ASP E 65 8.12 1.76 -15.65
C ASP E 65 6.67 2.07 -15.94
N SER E 66 6.19 3.25 -15.57
CA SER E 66 4.82 3.66 -15.92
C SER E 66 4.54 3.66 -17.41
N LEU E 67 5.52 3.99 -18.26
CA LEU E 67 5.36 3.93 -19.69
C LEU E 67 5.63 2.52 -20.14
N LEU E 68 6.69 1.91 -19.59
CA LEU E 68 6.99 0.59 -20.07
C LEU E 68 5.78 -0.36 -19.82
N SER E 69 5.09 -0.20 -18.69
CA SER E 69 3.98 -1.09 -18.38
C SER E 69 2.92 -1.01 -19.40
N LYS E 70 2.66 0.20 -19.89
CA LYS E 70 1.70 0.39 -20.97
C LYS E 70 2.07 -0.34 -22.25
N TYR E 71 3.33 -0.31 -22.64
CA TYR E 71 3.71 -1.09 -23.83
C TYR E 71 3.45 -2.59 -23.59
N SER E 73 1.35 -3.92 -21.72
CA SER E 73 -0.07 -4.16 -21.67
C SER E 73 -0.73 -3.94 -23.03
N ALA E 74 -0.51 -2.80 -23.65
CA ALA E 74 -1.06 -2.63 -25.00
C ALA E 74 -0.66 -3.74 -25.98
N PHE E 75 0.55 -4.23 -25.96
CA PHE E 75 0.97 -5.18 -27.01
C PHE E 75 1.05 -6.63 -26.56
N ASN E 76 0.62 -6.85 -25.32
CA ASN E 76 0.66 -8.18 -24.70
CA ASN E 76 0.62 -8.18 -24.76
C ASN E 76 2.02 -8.80 -24.87
N VAL E 77 3.02 -8.10 -24.36
CA VAL E 77 4.38 -8.65 -24.29
C VAL E 77 4.96 -8.60 -22.88
N LYS E 78 5.74 -9.63 -22.55
CA LYS E 78 6.49 -9.68 -21.30
C LYS E 78 7.69 -8.74 -21.32
N TYR E 79 8.22 -8.39 -20.16
CA TYR E 79 9.40 -7.50 -20.07
C TYR E 79 10.56 -8.07 -20.87
N ASP E 80 10.83 -9.35 -20.66
CA ASP E 80 11.87 -10.06 -21.36
C ASP E 80 11.73 -10.02 -22.89
N ASP E 81 10.56 -9.70 -23.43
CA ASP E 81 10.37 -9.66 -24.86
C ASP E 81 10.73 -8.33 -25.47
N ILE E 82 10.92 -7.30 -24.66
CA ILE E 82 11.17 -5.96 -25.20
C ILE E 82 12.64 -5.59 -25.14
N PHE E 83 13.22 -5.14 -26.25
CA PHE E 83 14.56 -4.67 -26.18
C PHE E 83 14.58 -3.26 -25.59
N LEU E 84 15.49 -3.00 -24.67
CA LEU E 84 15.64 -1.67 -24.06
C LEU E 84 17.10 -1.23 -24.08
N GLY E 85 17.37 0.03 -24.41
CA GLY E 85 18.76 0.51 -24.49
C GLY E 85 18.97 1.66 -25.46
N ASN E 86 20.23 2.01 -25.68
CA ASN E 86 20.53 3.15 -26.53
C ASN E 86 20.60 2.80 -28.03
N GLU E 87 20.67 3.81 -28.87
CA GLU E 87 20.62 3.63 -30.31
C GLU E 87 21.72 2.71 -30.83
N TYR E 88 22.90 2.76 -30.23
CA TYR E 88 23.96 1.81 -30.56
C TYR E 88 23.58 0.36 -30.23
N GLU E 89 23.08 0.13 -29.00
CA GLU E 89 22.70 -1.20 -28.56
C GLU E 89 21.54 -1.66 -29.43
N ASN E 90 20.64 -0.74 -29.73
CA ASN E 90 19.55 -1.00 -30.65
C ASN E 90 20.06 -1.51 -31.98
N PHE E 91 21.11 -0.89 -32.48
CA PHE E 91 21.61 -1.26 -33.75
C PHE E 91 22.27 -2.66 -33.73
N VAL E 92 22.86 -3.05 -32.61
CA VAL E 92 23.57 -4.28 -32.54
C VAL E 92 22.57 -5.38 -32.43
N PHE E 93 21.47 -5.08 -31.77
CA PHE E 93 20.44 -6.05 -31.46
C PHE E 93 19.75 -6.34 -32.80
N THR E 94 19.37 -5.28 -33.49
CA THR E 94 18.74 -5.42 -34.78
C THR E 94 19.61 -6.22 -35.72
N ASN E 95 20.91 -5.93 -35.71
CA ASN E 95 21.87 -6.61 -36.55
C ASN E 95 21.97 -8.11 -36.30
N ASP E 96 21.92 -8.54 -35.03
CA ASP E 96 21.89 -9.98 -34.68
C ASP E 96 20.64 -10.72 -35.19
N LYS E 97 19.49 -10.05 -35.13
CA LYS E 97 18.25 -10.59 -35.64
C LYS E 97 18.49 -10.79 -37.12
N LYS E 98 18.96 -9.74 -37.76
CA LYS E 98 19.15 -9.79 -39.18
C LYS E 98 20.00 -10.99 -39.51
N LYS E 99 21.19 -11.06 -38.91
CA LYS E 99 22.12 -12.17 -39.19
C LYS E 99 21.49 -13.55 -39.07
N SER E 100 20.62 -13.70 -38.08
CA SER E 100 19.93 -14.95 -37.81
C SER E 100 18.90 -15.36 -38.85
N ILE E 101 18.17 -14.41 -39.40
CA ILE E 101 17.27 -14.70 -40.48
C ILE E 101 18.11 -15.20 -41.63
N ILE E 102 19.25 -14.57 -41.83
CA ILE E 102 20.01 -14.79 -43.03
C ILE E 102 20.64 -16.16 -42.99
N LEU E 103 21.25 -16.50 -41.87
CA LEU E 103 21.98 -17.75 -41.86
CA LEU E 103 21.99 -17.78 -41.79
C LEU E 103 21.04 -18.95 -41.68
N ALA E 104 19.89 -18.73 -41.05
CA ALA E 104 18.89 -19.79 -41.00
C ALA E 104 18.41 -20.09 -42.42
N PHE E 105 18.08 -19.04 -43.17
CA PHE E 105 17.57 -19.21 -44.54
C PHE E 105 18.65 -19.79 -45.40
N LYS E 106 19.84 -19.22 -45.38
CA LYS E 106 20.91 -19.76 -46.19
C LYS E 106 21.25 -21.23 -45.85
N GLU E 107 20.68 -21.72 -44.75
CA GLU E 107 20.99 -23.06 -44.23
C GLU E 107 19.98 -24.15 -44.61
N LYS E 108 19.44 -24.03 -45.82
CA LYS E 108 18.39 -24.92 -46.28
C LYS E 108 18.60 -24.97 -47.78
N GLN E 109 19.09 -23.84 -48.29
CA GLN E 109 19.63 -23.74 -49.65
C GLN E 109 21.05 -24.30 -49.64
#